data_7PD9
#
_entry.id   7PD9
#
_cell.length_a   67.396
_cell.length_b   131.782
_cell.length_c   66.517
_cell.angle_alpha   90.000
_cell.angle_beta   90.000
_cell.angle_gamma   90.000
#
_symmetry.space_group_name_H-M   'P 21 21 2'
#
loop_
_entity.id
_entity.type
_entity.pdbx_description
1 polymer "5'-nucleotidase"
2 non-polymer 'ZINC ION'
3 non-polymer 'CALCIUM ION'
4 non-polymer 'DIMETHYL SULFOXIDE'
5 non-polymer RIBOFLAVIN
6 water water
#
_entity_poly.entity_id   1
_entity_poly.type   'polypeptide(L)'
_entity_poly.pdbx_seq_one_letter_code
;MAHHHHHHVGTGSNDDDDKSPDPWELTILHTNDVHSRLEQTSEDSSKCVDASRCMGGVARLFTKVQQIRRAEPNVLLLDA
GDQYQGTIWFTVYKGAEVAHFMNALRYDAMALGNHEFDNGVEGLIEPLLKEAKFPILSANISASGPLASQISGLYLPYKV
LPVGDEVVGIVGYTSKETPFLSNPGTNLVFEDEITALQPEVDKLKTLNVNKIIALGHSGFEMDKLIAQKVRGVDVVVGGH
SNTFLYTGNPPSKEVPAGKYPFIVTSDDGRKVPVVQAYAFGKYLGYLKIEFDERGNVISSHGNPILLDSSIPEDPSIKAD
INKWRIKLDDYSTQELGKTIVYLDGSSQSCRFRECNMGNLICDAMINNNLRHADEMFWNHVSMCILNGGGIRSPIDERND
GTITWENLAAVLPFGGTFDLVQLKGSTLKKAFEHSVHRYGQSTGEFLQVGGIHVVYDLSRKPGDRVVKLDVLCTSCRVPS
YDPLKMDEVYKVILPNFLANGGDGFQMIKDELLRHDSGDQDINVVSTYISKMKVIYPAVEGRIKFS
;
_entity_poly.pdbx_strand_id   A
#
# COMPACT_ATOMS: atom_id res chain seq x y z
N PRO A 23 9.26 -24.46 -28.66
CA PRO A 23 9.06 -23.75 -27.36
C PRO A 23 7.67 -23.12 -27.24
N TRP A 24 7.12 -23.17 -26.06
CA TRP A 24 5.78 -22.60 -25.79
C TRP A 24 5.94 -21.24 -25.09
N GLU A 25 5.39 -20.18 -25.67
CA GLU A 25 5.59 -18.81 -25.20
C GLU A 25 4.36 -18.31 -24.44
N LEU A 26 4.60 -17.80 -23.25
CA LEU A 26 3.55 -17.19 -22.40
C LEU A 26 3.88 -15.71 -22.18
N THR A 27 2.88 -14.86 -22.32
CA THR A 27 2.94 -13.43 -21.97
C THR A 27 2.23 -13.28 -20.65
N ILE A 28 2.98 -12.88 -19.65
CA ILE A 28 2.41 -12.51 -18.34
C ILE A 28 2.27 -11.00 -18.22
N LEU A 29 1.02 -10.59 -18.10
CA LEU A 29 0.67 -9.19 -17.82
C LEU A 29 0.38 -9.09 -16.32
N HIS A 30 0.89 -8.08 -15.64
CA HIS A 30 0.69 -8.07 -14.17
C HIS A 30 0.62 -6.65 -13.64
N THR A 31 -0.24 -6.53 -12.64
CA THR A 31 -0.37 -5.36 -11.82
C THR A 31 -0.18 -5.75 -10.32
N ASN A 32 0.16 -4.74 -9.53
CA ASN A 32 0.28 -4.88 -8.06
C ASN A 32 0.08 -3.54 -7.42
N ASP A 33 -0.46 -3.55 -6.23
CA ASP A 33 -0.56 -2.33 -5.41
C ASP A 33 -1.22 -1.21 -6.19
N VAL A 34 -2.28 -1.54 -6.91
CA VAL A 34 -3.06 -0.55 -7.67
C VAL A 34 -3.68 0.45 -6.68
N HIS A 35 -4.10 -0.03 -5.52
CA HIS A 35 -4.50 0.93 -4.45
C HIS A 35 -5.53 1.94 -4.93
N SER A 36 -6.63 1.41 -5.50
CA SER A 36 -7.86 2.20 -5.67
CA SER A 36 -7.88 2.19 -5.68
C SER A 36 -7.65 3.30 -6.71
N ARG A 37 -6.64 3.17 -7.56
CA ARG A 37 -6.45 4.15 -8.64
C ARG A 37 -7.27 3.71 -9.86
N LEU A 38 -8.59 3.76 -9.70
CA LEU A 38 -9.56 3.40 -10.76
C LEU A 38 -9.47 4.45 -11.85
N GLU A 39 -9.37 5.71 -11.49
CA GLU A 39 -9.25 6.80 -12.45
C GLU A 39 -7.80 7.06 -12.82
N GLN A 40 -7.61 7.61 -14.00
CA GLN A 40 -6.28 8.08 -14.35
C GLN A 40 -5.80 9.11 -13.34
N THR A 41 -4.50 9.18 -13.19
CA THR A 41 -3.85 9.99 -12.13
C THR A 41 -2.81 10.95 -12.73
N SER A 42 -2.33 11.89 -11.95
CA SER A 42 -1.08 12.63 -12.29
C SER A 42 0.10 11.67 -12.37
N GLU A 43 1.23 12.18 -12.84
CA GLU A 43 2.46 11.37 -12.95
C GLU A 43 2.86 10.85 -11.56
N ASP A 44 2.57 11.57 -10.48
CA ASP A 44 2.96 11.17 -9.11
C ASP A 44 1.83 10.35 -8.45
N SER A 45 0.80 9.96 -9.21
CA SER A 45 -0.29 9.05 -8.77
C SER A 45 -1.32 9.76 -7.91
N SER A 46 -1.19 11.09 -7.81
CA SER A 46 -2.25 11.90 -7.14
C SER A 46 -3.35 12.22 -8.16
N LYS A 47 -4.31 13.01 -7.73
CA LYS A 47 -5.43 13.40 -8.59
C LYS A 47 -4.94 13.93 -9.94
N CYS A 48 -5.59 13.46 -10.98
CA CYS A 48 -5.40 13.96 -12.34
C CYS A 48 -5.88 15.41 -12.44
N VAL A 49 -4.99 16.32 -12.81
CA VAL A 49 -5.38 17.74 -13.02
C VAL A 49 -5.27 18.09 -14.52
N ASP A 50 -4.13 17.85 -15.14
CA ASP A 50 -3.95 18.12 -16.57
C ASP A 50 -4.18 16.80 -17.33
N ALA A 51 -5.45 16.57 -17.74
CA ALA A 51 -6.00 15.31 -18.27
C ALA A 51 -5.13 14.86 -19.44
N SER A 52 -4.68 15.82 -20.23
CA SER A 52 -3.85 15.52 -21.43
C SER A 52 -2.49 14.86 -21.08
N ARG A 53 -2.01 14.92 -19.84
CA ARG A 53 -0.72 14.32 -19.38
C ARG A 53 -0.96 13.22 -18.32
N CYS A 54 -2.20 12.80 -18.05
CA CYS A 54 -2.52 11.86 -16.95
C CYS A 54 -2.18 10.44 -17.38
N MET A 55 -2.15 9.56 -16.38
CA MET A 55 -1.57 8.22 -16.56
C MET A 55 -2.44 7.18 -15.88
N GLY A 56 -2.28 5.92 -16.27
CA GLY A 56 -2.94 4.84 -15.54
C GLY A 56 -4.46 4.94 -15.62
N GLY A 57 -5.09 4.35 -14.63
CA GLY A 57 -6.53 4.15 -14.58
C GLY A 57 -6.94 2.91 -15.31
N VAL A 58 -8.07 2.35 -14.95
CA VAL A 58 -8.55 1.07 -15.52
CA VAL A 58 -8.54 1.08 -15.51
C VAL A 58 -8.99 1.24 -16.97
N ALA A 59 -9.50 2.40 -17.38
CA ALA A 59 -9.93 2.53 -18.79
C ALA A 59 -8.72 2.39 -19.71
N ARG A 60 -7.61 3.03 -19.34
CA ARG A 60 -6.37 2.96 -20.15
C ARG A 60 -5.78 1.58 -20.09
N LEU A 61 -5.77 0.97 -18.94
CA LEU A 61 -5.28 -0.40 -18.79
C LEU A 61 -6.09 -1.30 -19.72
N PHE A 62 -7.42 -1.16 -19.72
CA PHE A 62 -8.28 -2.00 -20.58
C PHE A 62 -7.75 -1.91 -22.03
N THR A 63 -7.53 -0.69 -22.56
CA THR A 63 -7.06 -0.51 -23.96
C THR A 63 -5.78 -1.31 -24.18
N LYS A 64 -4.81 -1.19 -23.30
CA LYS A 64 -3.51 -1.86 -23.49
C LYS A 64 -3.67 -3.37 -23.39
N VAL A 65 -4.39 -3.88 -22.42
CA VAL A 65 -4.57 -5.34 -22.29
C VAL A 65 -5.29 -5.87 -23.53
N GLN A 66 -6.32 -5.21 -23.99
CA GLN A 66 -7.05 -5.63 -25.19
C GLN A 66 -6.09 -5.68 -26.38
N GLN A 67 -5.24 -4.69 -26.53
CA GLN A 67 -4.29 -4.65 -27.66
CA GLN A 67 -4.32 -4.64 -27.68
C GLN A 67 -3.38 -5.87 -27.59
N ILE A 68 -2.83 -6.14 -26.44
CA ILE A 68 -1.89 -7.26 -26.29
C ILE A 68 -2.60 -8.57 -26.56
N ARG A 69 -3.80 -8.74 -26.07
CA ARG A 69 -4.55 -9.99 -26.25
C ARG A 69 -4.90 -10.18 -27.74
N ARG A 70 -4.98 -9.11 -28.56
CA ARG A 70 -5.21 -9.28 -30.01
C ARG A 70 -3.97 -9.91 -30.63
N ALA A 71 -2.80 -9.59 -30.12
CA ALA A 71 -1.47 -9.87 -30.75
C ALA A 71 -0.85 -11.18 -30.27
N GLU A 72 -1.03 -11.52 -28.99
N GLU A 72 -1.20 -11.66 -29.11
CA GLU A 72 -0.32 -12.65 -28.31
CA GLU A 72 -0.37 -12.71 -28.48
C GLU A 72 -1.33 -13.78 -28.04
C GLU A 72 -1.26 -13.82 -27.96
N PRO A 73 -1.06 -15.03 -28.49
CA PRO A 73 -2.01 -16.11 -28.25
C PRO A 73 -2.19 -16.53 -26.79
N ASN A 74 -1.09 -16.56 -26.03
CA ASN A 74 -1.02 -17.15 -24.67
C ASN A 74 -0.71 -16.02 -23.70
N VAL A 75 -1.76 -15.52 -23.07
CA VAL A 75 -1.67 -14.37 -22.15
C VAL A 75 -2.35 -14.70 -20.83
N LEU A 76 -1.70 -14.33 -19.74
CA LEU A 76 -2.31 -14.27 -18.44
C LEU A 76 -2.23 -12.86 -17.92
N LEU A 77 -3.34 -12.39 -17.33
CA LEU A 77 -3.37 -11.10 -16.63
C LEU A 77 -3.56 -11.36 -15.13
N LEU A 78 -2.54 -11.01 -14.37
CA LEU A 78 -2.44 -11.37 -12.97
C LEU A 78 -2.35 -10.09 -12.12
N ASP A 79 -2.93 -10.17 -10.92
CA ASP A 79 -2.74 -9.09 -9.93
C ASP A 79 -2.14 -9.64 -8.66
N ALA A 80 -1.10 -9.00 -8.15
CA ALA A 80 -0.38 -9.48 -6.96
C ALA A 80 -0.87 -8.83 -5.66
N GLY A 81 -2.07 -8.33 -5.66
CA GLY A 81 -2.73 -7.86 -4.42
C GLY A 81 -2.66 -6.36 -4.21
N ASP A 82 -3.43 -5.93 -3.21
CA ASP A 82 -3.52 -4.53 -2.80
C ASP A 82 -4.20 -3.69 -3.87
N GLN A 83 -5.31 -4.20 -4.37
CA GLN A 83 -6.32 -3.37 -5.07
C GLN A 83 -7.06 -2.50 -4.02
N TYR A 84 -7.35 -3.06 -2.88
CA TYR A 84 -8.04 -2.32 -1.80
C TYR A 84 -7.15 -1.17 -1.31
N GLN A 85 -7.81 -0.08 -0.88
CA GLN A 85 -7.29 1.05 -0.09
C GLN A 85 -6.53 2.03 -0.97
N GLY A 86 -6.95 3.31 -0.98
CA GLY A 86 -6.09 4.33 -1.61
C GLY A 86 -6.80 5.59 -2.05
N THR A 87 -8.09 5.50 -2.39
CA THR A 87 -8.88 6.67 -2.81
C THR A 87 -10.30 6.57 -2.23
N ILE A 88 -11.05 7.62 -2.49
CA ILE A 88 -12.50 7.69 -2.15
C ILE A 88 -13.27 6.57 -2.85
N TRP A 89 -12.76 6.00 -3.94
CA TRP A 89 -13.44 4.82 -4.54
C TRP A 89 -13.57 3.71 -3.53
N PHE A 90 -12.52 3.41 -2.81
CA PHE A 90 -12.55 2.28 -1.83
C PHE A 90 -13.38 2.69 -0.61
N THR A 91 -13.26 3.94 -0.18
CA THR A 91 -14.07 4.47 0.95
C THR A 91 -15.56 4.25 0.73
N VAL A 92 -16.00 4.51 -0.50
CA VAL A 92 -17.46 4.46 -0.81
C VAL A 92 -17.91 3.08 -1.23
N TYR A 93 -17.15 2.47 -2.14
CA TYR A 93 -17.58 1.19 -2.77
C TYR A 93 -17.03 -0.05 -2.04
N LYS A 94 -16.00 0.12 -1.22
CA LYS A 94 -15.57 -0.92 -0.26
C LYS A 94 -15.19 -2.24 -0.92
N GLY A 95 -14.65 -2.16 -2.12
CA GLY A 95 -14.23 -3.35 -2.86
C GLY A 95 -15.19 -3.76 -3.96
N ALA A 96 -16.41 -3.27 -3.99
CA ALA A 96 -17.32 -3.58 -5.11
C ALA A 96 -16.71 -3.06 -6.42
N GLU A 97 -16.03 -1.92 -6.37
CA GLU A 97 -15.37 -1.35 -7.55
C GLU A 97 -14.26 -2.28 -8.02
N VAL A 98 -13.57 -2.92 -7.08
CA VAL A 98 -12.44 -3.83 -7.46
C VAL A 98 -13.01 -5.03 -8.17
N ALA A 99 -14.04 -5.67 -7.62
CA ALA A 99 -14.62 -6.82 -8.33
C ALA A 99 -15.13 -6.39 -9.70
N HIS A 100 -15.89 -5.30 -9.77
CA HIS A 100 -16.52 -4.87 -11.02
C HIS A 100 -15.47 -4.60 -12.09
N PHE A 101 -14.45 -3.80 -11.80
CA PHE A 101 -13.53 -3.36 -12.85
C PHE A 101 -12.49 -4.45 -13.09
N MET A 102 -12.08 -5.25 -12.12
CA MET A 102 -11.19 -6.39 -12.45
C MET A 102 -11.93 -7.41 -13.29
N ASN A 103 -13.22 -7.61 -13.02
CA ASN A 103 -14.04 -8.51 -13.84
C ASN A 103 -14.12 -7.96 -15.26
N ALA A 104 -14.29 -6.67 -15.44
CA ALA A 104 -14.39 -6.03 -16.78
C ALA A 104 -13.08 -6.17 -17.57
N LEU A 105 -11.94 -6.16 -16.88
N LEU A 105 -11.96 -6.17 -16.84
CA LEU A 105 -10.64 -6.33 -17.56
CA LEU A 105 -10.59 -6.33 -17.40
C LEU A 105 -10.30 -7.81 -17.70
C LEU A 105 -10.32 -7.80 -17.71
N ARG A 106 -11.13 -8.70 -17.17
CA ARG A 106 -10.96 -10.15 -17.27
C ARG A 106 -9.60 -10.56 -16.71
N TYR A 107 -9.28 -10.15 -15.50
CA TYR A 107 -8.11 -10.76 -14.79
C TYR A 107 -8.27 -12.26 -14.77
N ASP A 108 -7.15 -12.96 -14.87
CA ASP A 108 -7.13 -14.43 -14.78
C ASP A 108 -6.94 -14.91 -13.34
N ALA A 109 -6.29 -14.16 -12.48
CA ALA A 109 -6.08 -14.55 -11.07
C ALA A 109 -5.57 -13.33 -10.28
N MET A 110 -5.78 -13.36 -8.95
CA MET A 110 -5.27 -12.33 -8.05
C MET A 110 -4.80 -13.04 -6.79
N ALA A 111 -3.69 -12.55 -6.23
CA ALA A 111 -3.29 -12.93 -4.86
C ALA A 111 -3.83 -11.90 -3.88
N LEU A 112 -4.11 -12.40 -2.68
CA LEU A 112 -4.51 -11.53 -1.57
C LEU A 112 -3.31 -10.72 -1.08
N GLY A 113 -3.53 -9.43 -0.98
CA GLY A 113 -2.60 -8.50 -0.37
C GLY A 113 -2.96 -8.18 1.06
N ASN A 114 -2.07 -7.49 1.77
CA ASN A 114 -2.41 -7.12 3.15
C ASN A 114 -3.63 -6.21 3.16
N HIS A 115 -3.72 -5.22 2.28
CA HIS A 115 -4.83 -4.26 2.33
C HIS A 115 -6.18 -4.87 2.01
N GLU A 116 -6.22 -6.07 1.42
CA GLU A 116 -7.49 -6.79 1.22
C GLU A 116 -8.12 -7.14 2.58
N PHE A 117 -7.43 -6.96 3.70
CA PHE A 117 -7.98 -7.23 5.02
C PHE A 117 -8.36 -5.94 5.75
N ASP A 118 -8.34 -4.78 5.09
CA ASP A 118 -8.53 -3.51 5.80
C ASP A 118 -9.89 -3.43 6.43
N ASN A 119 -10.91 -3.98 5.82
CA ASN A 119 -12.28 -4.00 6.36
C ASN A 119 -12.61 -5.33 7.00
N GLY A 120 -11.58 -6.03 7.48
CA GLY A 120 -11.74 -7.33 8.13
C GLY A 120 -12.07 -8.41 7.11
N VAL A 121 -12.18 -9.60 7.62
CA VAL A 121 -12.53 -10.76 6.76
CA VAL A 121 -12.47 -10.73 6.71
C VAL A 121 -13.87 -10.53 6.09
N GLU A 122 -14.83 -9.96 6.82
CA GLU A 122 -16.19 -9.78 6.27
C GLU A 122 -16.14 -8.84 5.08
N GLY A 123 -15.21 -7.86 5.11
CA GLY A 123 -15.10 -6.85 4.03
C GLY A 123 -14.28 -7.36 2.85
N LEU A 124 -13.75 -8.56 2.98
CA LEU A 124 -13.06 -9.30 1.87
C LEU A 124 -14.06 -10.29 1.28
N ILE A 125 -14.70 -11.10 2.12
CA ILE A 125 -15.64 -12.12 1.62
C ILE A 125 -16.70 -11.45 0.74
N GLU A 126 -17.37 -10.39 1.20
N GLU A 126 -17.33 -10.41 1.30
CA GLU A 126 -18.66 -10.01 0.57
CA GLU A 126 -18.30 -9.58 0.59
C GLU A 126 -18.46 -9.28 -0.76
C GLU A 126 -17.73 -8.17 0.53
N PRO A 127 -17.68 -8.17 -0.82
N PRO A 127 -17.22 -7.68 -0.62
CA PRO A 127 -17.54 -7.42 -2.04
CA PRO A 127 -17.82 -7.94 -1.94
C PRO A 127 -16.59 -8.12 -2.98
C PRO A 127 -16.86 -8.84 -2.76
N LEU A 128 -15.58 -8.85 -2.48
CA LEU A 128 -14.55 -9.35 -3.45
C LEU A 128 -14.64 -10.84 -3.66
N LEU A 129 -14.50 -11.65 -2.61
CA LEU A 129 -14.40 -13.10 -2.90
C LEU A 129 -15.69 -13.60 -3.53
N LYS A 130 -16.84 -13.07 -3.09
CA LYS A 130 -18.13 -13.58 -3.62
C LYS A 130 -18.43 -13.02 -5.01
N GLU A 131 -17.79 -11.94 -5.46
CA GLU A 131 -18.17 -11.28 -6.73
C GLU A 131 -17.11 -11.43 -7.84
N ALA A 132 -15.87 -11.71 -7.50
CA ALA A 132 -14.82 -11.91 -8.51
C ALA A 132 -15.18 -13.10 -9.38
N LYS A 133 -14.93 -12.92 -10.67
CA LYS A 133 -15.10 -14.01 -11.70
C LYS A 133 -13.78 -14.71 -11.97
N PHE A 134 -12.79 -14.50 -11.16
CA PHE A 134 -11.43 -15.10 -11.31
C PHE A 134 -11.04 -15.61 -9.93
N PRO A 135 -10.17 -16.61 -9.86
CA PRO A 135 -9.67 -17.15 -8.60
C PRO A 135 -8.83 -16.14 -7.86
N ILE A 136 -9.07 -16.15 -6.54
CA ILE A 136 -8.30 -15.35 -5.61
C ILE A 136 -7.51 -16.30 -4.71
N LEU A 137 -6.21 -16.02 -4.59
CA LEU A 137 -5.24 -17.02 -4.16
C LEU A 137 -4.45 -16.57 -2.94
N SER A 138 -4.21 -17.53 -2.04
CA SER A 138 -3.19 -17.42 -0.99
C SER A 138 -3.00 -18.80 -0.34
N ALA A 139 -1.82 -19.38 -0.50
CA ALA A 139 -1.50 -20.70 0.07
C ALA A 139 -1.10 -20.65 1.54
N ASN A 140 -0.84 -19.47 2.13
CA ASN A 140 -0.23 -19.39 3.47
C ASN A 140 -1.20 -18.72 4.47
N ILE A 141 -2.48 -18.71 4.17
CA ILE A 141 -3.51 -18.20 5.11
C ILE A 141 -4.40 -19.38 5.49
N SER A 142 -4.52 -19.65 6.78
CA SER A 142 -5.47 -20.67 7.28
C SER A 142 -6.46 -20.05 8.28
N ALA A 143 -7.65 -20.64 8.34
CA ALA A 143 -8.74 -20.20 9.21
C ALA A 143 -9.06 -21.32 10.16
N SER A 144 -9.66 -20.95 11.27
CA SER A 144 -10.09 -21.89 12.32
C SER A 144 -11.49 -21.53 12.76
N GLY A 145 -12.07 -22.45 13.51
CA GLY A 145 -13.40 -22.26 14.11
C GLY A 145 -14.40 -22.03 12.98
N PRO A 146 -15.58 -21.47 13.30
CA PRO A 146 -16.63 -21.28 12.31
C PRO A 146 -16.21 -20.49 11.07
N LEU A 147 -15.24 -19.58 11.17
CA LEU A 147 -14.77 -18.86 9.95
C LEU A 147 -14.24 -19.87 8.94
N ALA A 148 -13.58 -20.94 9.39
CA ALA A 148 -13.00 -21.89 8.41
C ALA A 148 -14.12 -22.42 7.48
N SER A 149 -15.27 -22.81 8.02
CA SER A 149 -16.42 -23.27 7.21
C SER A 149 -16.96 -22.16 6.33
N GLN A 150 -17.02 -20.96 6.87
CA GLN A 150 -17.65 -19.83 6.13
C GLN A 150 -16.80 -19.45 4.93
N ILE A 151 -15.46 -19.55 5.04
CA ILE A 151 -14.57 -19.03 3.98
C ILE A 151 -14.05 -20.15 3.06
N SER A 152 -14.29 -21.42 3.40
CA SER A 152 -13.71 -22.58 2.72
C SER A 152 -13.94 -22.45 1.21
N GLY A 153 -12.87 -22.49 0.44
CA GLY A 153 -13.00 -22.47 -1.04
C GLY A 153 -13.17 -21.08 -1.65
N LEU A 154 -13.38 -20.05 -0.84
CA LEU A 154 -13.64 -18.71 -1.40
C LEU A 154 -12.31 -18.05 -1.82
N TYR A 155 -11.20 -18.49 -1.22
CA TYR A 155 -9.83 -18.25 -1.74
C TYR A 155 -9.19 -19.65 -1.77
N LEU A 156 -8.17 -19.76 -2.60
CA LEU A 156 -7.57 -21.06 -2.90
C LEU A 156 -6.06 -20.98 -2.72
N PRO A 157 -5.35 -22.08 -2.40
CA PRO A 157 -3.89 -22.02 -2.40
C PRO A 157 -3.31 -21.77 -3.80
N TYR A 158 -3.96 -22.32 -4.79
CA TYR A 158 -3.50 -22.23 -6.20
C TYR A 158 -4.68 -22.50 -7.10
N LYS A 159 -4.51 -22.17 -8.37
CA LYS A 159 -5.46 -22.58 -9.40
C LYS A 159 -4.64 -23.05 -10.60
N VAL A 160 -5.08 -24.10 -11.24
CA VAL A 160 -4.50 -24.57 -12.52
C VAL A 160 -5.35 -24.01 -13.64
N LEU A 161 -4.74 -23.19 -14.49
CA LEU A 161 -5.50 -22.51 -15.56
C LEU A 161 -5.16 -23.05 -16.92
N PRO A 162 -6.13 -23.32 -17.76
CA PRO A 162 -5.85 -23.63 -19.15
C PRO A 162 -5.37 -22.37 -19.88
N VAL A 163 -4.32 -22.55 -20.65
CA VAL A 163 -3.76 -21.52 -21.55
C VAL A 163 -3.49 -22.18 -22.88
N GLY A 164 -4.24 -21.84 -23.91
CA GLY A 164 -4.10 -22.60 -25.17
C GLY A 164 -4.27 -24.08 -24.89
N ASP A 165 -3.40 -24.95 -25.42
CA ASP A 165 -3.44 -26.42 -25.18
C ASP A 165 -2.61 -26.84 -23.98
N GLU A 166 -2.18 -25.88 -23.16
CA GLU A 166 -1.34 -26.16 -22.01
C GLU A 166 -2.05 -25.73 -20.72
N VAL A 167 -1.45 -26.03 -19.57
CA VAL A 167 -1.99 -25.53 -18.29
C VAL A 167 -0.85 -24.83 -17.58
N VAL A 168 -1.21 -23.89 -16.72
CA VAL A 168 -0.26 -23.15 -15.87
C VAL A 168 -0.81 -23.13 -14.47
N GLY A 169 -0.03 -23.55 -13.52
CA GLY A 169 -0.38 -23.42 -12.11
C GLY A 169 0.02 -22.10 -11.54
N ILE A 170 -0.94 -21.44 -10.87
CA ILE A 170 -0.61 -20.18 -10.17
CA ILE A 170 -0.72 -20.15 -10.19
C ILE A 170 -0.85 -20.40 -8.68
N VAL A 171 0.21 -20.20 -7.91
N VAL A 171 0.22 -20.24 -7.93
CA VAL A 171 0.22 -20.46 -6.45
CA VAL A 171 0.14 -20.44 -6.46
C VAL A 171 0.40 -19.13 -5.71
C VAL A 171 0.30 -19.08 -5.81
N GLY A 172 -0.55 -18.80 -4.83
CA GLY A 172 -0.55 -17.50 -4.18
C GLY A 172 0.13 -17.45 -2.82
N TYR A 173 0.44 -16.25 -2.37
CA TYR A 173 0.99 -16.03 -1.01
C TYR A 173 0.72 -14.59 -0.58
N THR A 174 0.68 -14.40 0.73
CA THR A 174 0.35 -13.10 1.35
C THR A 174 1.30 -12.84 2.50
N SER A 175 1.69 -11.56 2.66
CA SER A 175 2.65 -11.18 3.71
C SER A 175 2.32 -11.85 5.04
N LYS A 176 3.28 -12.50 5.64
CA LYS A 176 3.21 -13.02 7.04
C LYS A 176 2.92 -11.87 8.01
N GLU A 177 3.29 -10.65 7.63
CA GLU A 177 3.19 -9.46 8.49
C GLU A 177 1.81 -8.86 8.44
N THR A 178 0.89 -9.41 7.67
CA THR A 178 -0.45 -8.81 7.52
C THR A 178 -1.15 -8.45 8.84
N PRO A 179 -1.10 -9.23 9.93
CA PRO A 179 -1.70 -8.80 11.19
C PRO A 179 -1.24 -7.41 11.68
N PHE A 180 0.01 -7.00 11.36
CA PHE A 180 0.53 -5.68 11.80
C PHE A 180 0.16 -4.58 10.80
N LEU A 181 -0.34 -4.96 9.62
CA LEU A 181 -0.44 -4.04 8.49
C LEU A 181 -1.85 -3.93 7.95
N SER A 182 -2.81 -4.53 8.66
CA SER A 182 -4.23 -4.56 8.28
C SER A 182 -5.05 -5.15 9.42
N ASN A 183 -6.29 -5.45 9.12
CA ASN A 183 -7.24 -5.87 10.16
C ASN A 183 -7.83 -7.25 9.91
N PRO A 184 -7.00 -8.30 9.76
CA PRO A 184 -7.53 -9.61 9.42
C PRO A 184 -8.28 -10.34 10.53
N GLY A 185 -8.16 -9.86 11.74
CA GLY A 185 -8.86 -10.51 12.86
C GLY A 185 -8.07 -11.65 13.46
N THR A 186 -8.58 -12.31 14.48
CA THR A 186 -7.77 -13.27 15.25
C THR A 186 -8.06 -14.72 14.88
N ASN A 187 -8.82 -14.97 13.85
N ASN A 187 -8.89 -14.93 13.82
CA ASN A 187 -8.92 -16.39 13.53
CA ASN A 187 -9.38 -16.24 13.28
C ASN A 187 -7.79 -16.73 12.53
C ASN A 187 -8.58 -16.70 12.01
N LEU A 188 -7.62 -15.89 11.55
CA LEU A 188 -6.73 -16.24 10.40
C LEU A 188 -5.30 -16.28 10.92
N VAL A 189 -4.56 -17.26 10.39
CA VAL A 189 -3.11 -17.39 10.65
C VAL A 189 -2.37 -17.26 9.34
N PHE A 190 -1.35 -16.40 9.36
CA PHE A 190 -0.46 -16.16 8.18
C PHE A 190 0.81 -16.95 8.46
N GLU A 191 0.98 -17.99 7.68
CA GLU A 191 2.10 -18.92 7.82
CA GLU A 191 2.11 -18.94 7.81
C GLU A 191 3.31 -18.40 7.05
N ASP A 192 4.49 -18.82 7.44
CA ASP A 192 5.70 -18.56 6.64
C ASP A 192 5.41 -18.91 5.15
N GLU A 193 5.77 -18.02 4.25
CA GLU A 193 5.46 -18.17 2.83
C GLU A 193 6.14 -19.42 2.28
N ILE A 194 7.44 -19.57 2.47
CA ILE A 194 8.20 -20.66 1.82
C ILE A 194 7.69 -22.03 2.33
N THR A 195 7.49 -22.10 3.65
CA THR A 195 6.96 -23.30 4.32
C THR A 195 5.66 -23.72 3.65
N ALA A 196 4.75 -22.77 3.46
CA ALA A 196 3.41 -23.09 2.94
C ALA A 196 3.49 -23.41 1.45
N LEU A 197 4.34 -22.71 0.70
CA LEU A 197 4.35 -22.82 -0.75
C LEU A 197 4.92 -24.16 -1.20
N GLN A 198 5.97 -24.61 -0.55
CA GLN A 198 6.70 -25.74 -1.12
C GLN A 198 5.80 -26.96 -1.30
N PRO A 199 5.01 -27.41 -0.30
CA PRO A 199 4.20 -28.61 -0.49
C PRO A 199 3.17 -28.41 -1.63
N GLU A 200 2.61 -27.21 -1.82
CA GLU A 200 1.65 -26.96 -2.90
C GLU A 200 2.34 -27.10 -4.27
N VAL A 201 3.52 -26.56 -4.40
CA VAL A 201 4.26 -26.62 -5.68
C VAL A 201 4.64 -28.09 -5.92
N ASP A 202 5.02 -28.82 -4.89
CA ASP A 202 5.31 -30.25 -5.06
C ASP A 202 4.04 -30.97 -5.50
N LYS A 203 2.90 -30.64 -4.89
CA LYS A 203 1.65 -31.33 -5.24
C LYS A 203 1.33 -31.06 -6.75
N LEU A 204 1.49 -29.84 -7.22
CA LEU A 204 1.19 -29.52 -8.64
C LEU A 204 2.05 -30.41 -9.54
N LYS A 205 3.32 -30.66 -9.20
CA LYS A 205 4.17 -31.53 -10.01
C LYS A 205 3.52 -32.92 -10.12
N THR A 206 2.93 -33.44 -9.04
CA THR A 206 2.30 -34.78 -9.02
C THR A 206 1.06 -34.80 -9.93
N LEU A 207 0.51 -33.63 -10.23
CA LEU A 207 -0.73 -33.47 -11.03
C LEU A 207 -0.36 -33.08 -12.46
N ASN A 208 0.89 -33.30 -12.80
CA ASN A 208 1.41 -33.12 -14.18
C ASN A 208 1.29 -31.62 -14.56
N VAL A 209 1.56 -30.74 -13.61
CA VAL A 209 1.58 -29.27 -13.89
C VAL A 209 3.05 -28.86 -13.77
N ASN A 210 3.71 -28.58 -14.90
CA ASN A 210 5.16 -28.32 -15.00
C ASN A 210 5.50 -26.85 -15.22
N LYS A 211 4.50 -25.99 -15.32
CA LYS A 211 4.68 -24.53 -15.49
C LYS A 211 3.95 -23.85 -14.33
N ILE A 212 4.73 -23.25 -13.43
CA ILE A 212 4.23 -22.76 -12.14
C ILE A 212 4.70 -21.31 -11.95
N ILE A 213 3.70 -20.46 -11.68
CA ILE A 213 3.91 -19.05 -11.32
C ILE A 213 3.57 -18.86 -9.85
N ALA A 214 4.48 -18.31 -9.11
CA ALA A 214 4.17 -17.87 -7.72
C ALA A 214 3.76 -16.41 -7.82
N LEU A 215 2.53 -16.15 -7.40
CA LEU A 215 1.88 -14.81 -7.47
C LEU A 215 1.58 -14.41 -6.03
N GLY A 216 2.17 -13.32 -5.55
CA GLY A 216 1.93 -13.03 -4.13
C GLY A 216 2.43 -11.70 -3.68
N HIS A 217 2.20 -11.49 -2.38
CA HIS A 217 2.15 -10.13 -1.81
C HIS A 217 2.93 -10.03 -0.51
N SER A 218 4.25 -10.16 -0.60
CA SER A 218 5.15 -10.13 0.56
C SER A 218 6.31 -9.16 0.42
N GLY A 219 6.52 -8.58 -0.75
CA GLY A 219 7.60 -7.65 -0.98
C GLY A 219 8.75 -8.29 -1.74
N PHE A 220 9.50 -7.45 -2.45
CA PHE A 220 10.59 -7.90 -3.35
C PHE A 220 11.59 -8.80 -2.60
N GLU A 221 11.97 -8.46 -1.37
CA GLU A 221 12.97 -9.30 -0.68
C GLU A 221 12.43 -10.70 -0.47
N MET A 222 11.20 -10.83 0.00
CA MET A 222 10.66 -12.19 0.14
C MET A 222 10.48 -12.83 -1.23
N ASP A 223 10.09 -12.10 -2.24
CA ASP A 223 9.95 -12.67 -3.56
C ASP A 223 11.27 -13.33 -4.02
N LYS A 224 12.36 -12.67 -3.80
CA LYS A 224 13.69 -13.25 -4.16
C LYS A 224 13.97 -14.54 -3.36
N LEU A 225 13.58 -14.58 -2.11
CA LEU A 225 13.78 -15.81 -1.27
C LEU A 225 12.92 -16.92 -1.83
N ILE A 226 11.68 -16.62 -2.21
CA ILE A 226 10.77 -17.65 -2.76
C ILE A 226 11.37 -18.18 -4.08
N ALA A 227 11.86 -17.33 -4.95
CA ALA A 227 12.50 -17.76 -6.21
C ALA A 227 13.73 -18.61 -5.96
N GLN A 228 14.46 -18.31 -4.88
CA GLN A 228 15.69 -19.07 -4.58
C GLN A 228 15.28 -20.45 -4.02
N LYS A 229 14.29 -20.49 -3.11
CA LYS A 229 14.15 -21.64 -2.19
C LYS A 229 12.98 -22.55 -2.53
N VAL A 230 11.97 -22.04 -3.22
CA VAL A 230 10.80 -22.90 -3.51
C VAL A 230 11.05 -23.65 -4.83
N ARG A 231 11.41 -24.93 -4.71
CA ARG A 231 11.78 -25.74 -5.87
C ARG A 231 10.56 -25.94 -6.74
N GLY A 232 10.69 -25.65 -8.03
CA GLY A 232 9.60 -25.84 -9.01
C GLY A 232 8.95 -24.58 -9.43
N VAL A 233 9.19 -23.50 -8.69
CA VAL A 233 8.65 -22.18 -9.10
C VAL A 233 9.41 -21.71 -10.35
N ASP A 234 8.66 -21.38 -11.40
CA ASP A 234 9.30 -20.93 -12.65
C ASP A 234 9.46 -19.42 -12.74
N VAL A 235 8.55 -18.68 -12.14
CA VAL A 235 8.42 -17.21 -12.24
CA VAL A 235 8.57 -17.20 -12.16
C VAL A 235 7.85 -16.72 -10.90
N VAL A 236 8.32 -15.60 -10.40
CA VAL A 236 7.66 -14.95 -9.24
C VAL A 236 7.15 -13.61 -9.70
N VAL A 237 5.87 -13.40 -9.44
CA VAL A 237 5.14 -12.13 -9.69
C VAL A 237 4.74 -11.55 -8.35
N GLY A 238 5.39 -10.45 -7.97
CA GLY A 238 5.21 -9.93 -6.61
C GLY A 238 4.63 -8.52 -6.52
N GLY A 239 4.73 -8.01 -5.31
CA GLY A 239 4.08 -6.75 -4.96
C GLY A 239 4.51 -6.31 -3.58
N HIS A 240 3.67 -5.44 -2.97
CA HIS A 240 3.76 -4.95 -1.58
C HIS A 240 4.76 -3.82 -1.39
N SER A 241 5.97 -4.01 -1.93
CA SER A 241 7.10 -3.07 -1.79
C SER A 241 7.10 -1.96 -2.84
N ASN A 242 6.15 -1.98 -3.74
CA ASN A 242 5.99 -0.95 -4.80
C ASN A 242 7.26 -0.87 -5.63
N THR A 243 7.84 -2.03 -5.87
CA THR A 243 9.17 -2.09 -6.50
C THR A 243 9.10 -1.85 -7.99
N PHE A 244 9.93 -0.91 -8.45
CA PHE A 244 10.05 -0.66 -9.89
C PHE A 244 11.36 -1.31 -10.41
N LEU A 245 11.17 -2.15 -11.37
CA LEU A 245 12.26 -2.86 -12.06
C LEU A 245 12.22 -2.46 -13.54
N TYR A 246 13.38 -2.27 -14.17
CA TYR A 246 13.37 -1.87 -15.61
C TYR A 246 14.69 -2.25 -16.25
N THR A 247 14.59 -2.69 -17.48
CA THR A 247 15.78 -2.96 -18.33
C THR A 247 15.91 -1.83 -19.34
N GLY A 248 16.90 -0.96 -19.16
CA GLY A 248 17.13 0.19 -20.07
C GLY A 248 16.82 1.54 -19.44
N ASN A 249 16.61 2.56 -20.28
CA ASN A 249 16.35 3.90 -19.76
C ASN A 249 14.95 3.91 -19.22
N PRO A 250 14.76 4.36 -17.98
CA PRO A 250 13.39 4.39 -17.43
C PRO A 250 12.55 5.41 -18.18
N PRO A 251 11.23 5.17 -18.35
CA PRO A 251 10.39 6.02 -19.16
C PRO A 251 9.78 7.20 -18.41
N SER A 252 9.83 7.19 -17.07
CA SER A 252 9.27 8.27 -16.24
C SER A 252 10.22 8.54 -15.06
N LYS A 253 9.68 9.02 -13.93
CA LYS A 253 10.45 9.52 -12.78
C LYS A 253 10.83 8.36 -11.84
N GLU A 254 10.22 7.16 -11.93
CA GLU A 254 10.58 6.11 -10.97
C GLU A 254 11.98 5.57 -11.35
N VAL A 255 12.79 5.36 -10.34
CA VAL A 255 14.18 4.90 -10.47
C VAL A 255 14.17 3.43 -10.19
N PRO A 256 14.66 2.60 -11.13
CA PRO A 256 14.63 1.18 -10.92
C PRO A 256 15.52 0.67 -9.79
N ALA A 257 14.98 -0.31 -9.05
CA ALA A 257 15.73 -1.04 -8.02
C ALA A 257 16.60 -2.15 -8.62
N GLY A 258 16.38 -2.49 -9.87
CA GLY A 258 17.10 -3.56 -10.55
C GLY A 258 16.53 -3.76 -11.95
N LYS A 259 17.09 -4.71 -12.69
CA LYS A 259 16.63 -5.08 -14.02
C LYS A 259 15.26 -5.76 -13.97
N TYR A 260 14.53 -5.65 -15.08
CA TYR A 260 13.28 -6.40 -15.33
C TYR A 260 13.49 -7.45 -16.40
N PRO A 261 13.31 -8.75 -16.11
CA PRO A 261 13.07 -9.31 -14.78
C PRO A 261 14.34 -9.27 -13.94
N PHE A 262 14.19 -9.45 -12.62
CA PHE A 262 15.32 -9.63 -11.67
C PHE A 262 15.59 -11.13 -11.63
N ILE A 263 16.83 -11.52 -11.97
CA ILE A 263 17.14 -12.97 -12.05
C ILE A 263 17.74 -13.46 -10.74
N VAL A 264 17.07 -14.46 -10.19
CA VAL A 264 17.52 -15.18 -8.99
C VAL A 264 18.07 -16.53 -9.44
N THR A 265 19.19 -16.93 -8.88
CA THR A 265 19.71 -18.29 -9.11
C THR A 265 19.13 -19.13 -8.00
N SER A 266 18.37 -20.12 -8.39
CA SER A 266 17.67 -20.98 -7.42
C SER A 266 18.66 -21.97 -6.79
N ASP A 267 18.30 -22.48 -5.61
CA ASP A 267 19.02 -23.59 -4.97
C ASP A 267 19.15 -24.80 -5.91
N ASP A 268 18.19 -25.03 -6.82
CA ASP A 268 18.28 -26.18 -7.76
CA ASP A 268 18.26 -26.17 -7.77
C ASP A 268 19.13 -25.82 -8.99
N GLY A 269 19.69 -24.60 -9.06
CA GLY A 269 20.61 -24.20 -10.12
C GLY A 269 19.96 -23.46 -11.29
N ARG A 270 18.62 -23.32 -11.32
CA ARG A 270 17.80 -22.67 -12.40
C ARG A 270 17.90 -21.14 -12.26
N LYS A 271 17.65 -20.45 -13.37
CA LYS A 271 17.42 -19.00 -13.31
C LYS A 271 15.94 -18.76 -13.20
N VAL A 272 15.54 -18.00 -12.21
CA VAL A 272 14.12 -17.75 -11.92
C VAL A 272 13.90 -16.22 -12.01
N PRO A 273 13.08 -15.76 -12.96
CA PRO A 273 12.74 -14.33 -13.07
C PRO A 273 11.76 -13.94 -11.95
N VAL A 274 12.05 -12.77 -11.39
CA VAL A 274 11.22 -12.09 -10.39
C VAL A 274 10.78 -10.75 -10.98
N VAL A 275 9.50 -10.49 -10.95
CA VAL A 275 8.96 -9.21 -11.47
C VAL A 275 8.04 -8.57 -10.43
N GLN A 276 7.91 -7.27 -10.63
CA GLN A 276 7.01 -6.36 -9.90
C GLN A 276 6.79 -5.19 -10.85
N ALA A 277 5.76 -4.39 -10.62
CA ALA A 277 5.39 -3.30 -11.54
C ALA A 277 4.97 -2.05 -10.75
N TYR A 278 5.81 -1.59 -9.82
CA TYR A 278 5.62 -0.32 -9.12
C TYR A 278 4.27 -0.38 -8.35
N ALA A 279 3.39 0.59 -8.57
CA ALA A 279 2.12 0.68 -7.85
C ALA A 279 1.21 1.63 -8.62
N PHE A 280 -0.02 1.74 -8.11
CA PHE A 280 -0.94 2.81 -8.52
C PHE A 280 -1.44 2.72 -9.94
N GLY A 281 -1.28 1.56 -10.57
CA GLY A 281 -1.76 1.35 -11.93
C GLY A 281 -1.04 2.19 -12.97
N LYS A 282 0.13 2.73 -12.66
CA LYS A 282 0.88 3.58 -13.61
C LYS A 282 1.51 2.76 -14.74
N TYR A 283 1.90 1.55 -14.40
CA TYR A 283 2.55 0.65 -15.38
C TYR A 283 1.76 -0.67 -15.45
N LEU A 284 1.81 -1.30 -16.64
CA LEU A 284 1.44 -2.72 -16.79
C LEU A 284 2.70 -3.56 -16.92
N GLY A 285 2.92 -4.45 -15.99
CA GLY A 285 4.04 -5.38 -16.15
C GLY A 285 3.81 -6.27 -17.35
N TYR A 286 4.87 -6.60 -18.06
CA TYR A 286 4.83 -7.39 -19.31
C TYR A 286 6.08 -8.25 -19.35
N LEU A 287 5.92 -9.56 -19.18
CA LEU A 287 7.03 -10.52 -19.21
C LEU A 287 6.68 -11.62 -20.19
N LYS A 288 7.55 -11.84 -21.18
CA LYS A 288 7.47 -12.99 -22.11
C LYS A 288 8.39 -14.10 -21.63
N ILE A 289 7.81 -15.27 -21.47
CA ILE A 289 8.53 -16.51 -21.04
CA ILE A 289 8.60 -16.47 -21.08
C ILE A 289 8.47 -17.53 -22.16
N GLU A 290 9.61 -18.13 -22.46
CA GLU A 290 9.63 -19.31 -23.32
C GLU A 290 9.87 -20.51 -22.43
N PHE A 291 9.00 -21.50 -22.60
CA PHE A 291 9.13 -22.78 -21.87
C PHE A 291 9.46 -23.92 -22.85
N ASP A 292 10.30 -24.84 -22.40
CA ASP A 292 10.47 -26.11 -23.14
C ASP A 292 9.29 -27.03 -22.79
N GLU A 293 9.27 -28.22 -23.35
CA GLU A 293 8.16 -29.21 -23.24
C GLU A 293 8.03 -29.71 -21.81
N ARG A 294 9.10 -29.67 -21.02
CA ARG A 294 9.10 -30.15 -19.62
C ARG A 294 8.80 -29.00 -18.65
N GLY A 295 8.50 -27.82 -19.16
CA GLY A 295 8.13 -26.71 -18.29
C GLY A 295 9.36 -26.00 -17.72
N ASN A 296 10.54 -26.16 -18.30
CA ASN A 296 11.70 -25.32 -17.90
C ASN A 296 11.67 -23.98 -18.65
N VAL A 297 11.96 -22.91 -17.92
CA VAL A 297 12.12 -21.58 -18.56
C VAL A 297 13.42 -21.53 -19.36
N ILE A 298 13.30 -21.32 -20.68
CA ILE A 298 14.42 -21.22 -21.63
C ILE A 298 14.86 -19.77 -21.69
N SER A 299 13.92 -18.82 -21.64
CA SER A 299 14.24 -17.38 -21.74
C SER A 299 13.12 -16.60 -21.06
N SER A 300 13.46 -15.40 -20.64
CA SER A 300 12.46 -14.44 -20.12
C SER A 300 12.90 -13.03 -20.48
N HIS A 301 11.99 -12.21 -20.96
CA HIS A 301 12.35 -10.80 -21.22
C HIS A 301 11.10 -9.95 -21.18
N GLY A 302 11.28 -8.69 -20.89
CA GLY A 302 10.15 -7.77 -20.99
C GLY A 302 10.48 -6.48 -20.28
N ASN A 303 9.41 -5.80 -19.90
CA ASN A 303 9.56 -4.51 -19.19
C ASN A 303 8.16 -4.05 -18.86
N PRO A 304 8.01 -3.30 -17.75
CA PRO A 304 6.73 -2.67 -17.54
C PRO A 304 6.45 -1.62 -18.60
N ILE A 305 5.19 -1.47 -18.98
CA ILE A 305 4.72 -0.50 -19.98
C ILE A 305 4.11 0.70 -19.25
N LEU A 306 4.68 1.87 -19.46
CA LEU A 306 4.10 3.10 -18.89
C LEU A 306 2.75 3.36 -19.52
N LEU A 307 1.72 3.47 -18.68
CA LEU A 307 0.36 3.73 -19.18
C LEU A 307 0.12 5.23 -19.27
N ASP A 308 0.73 5.86 -20.23
CA ASP A 308 0.64 7.32 -20.38
C ASP A 308 -0.41 7.69 -21.42
N SER A 309 -0.53 9.00 -21.66
CA SER A 309 -1.66 9.58 -22.44
CA SER A 309 -1.67 9.56 -22.43
C SER A 309 -1.56 9.18 -23.90
N SER A 310 -0.46 8.58 -24.35
CA SER A 310 -0.40 8.07 -25.76
C SER A 310 -1.32 6.86 -25.95
N ILE A 311 -1.77 6.23 -24.87
CA ILE A 311 -2.73 5.10 -24.90
C ILE A 311 -4.10 5.68 -24.58
N PRO A 312 -5.10 5.53 -25.43
CA PRO A 312 -6.40 6.13 -25.15
C PRO A 312 -7.12 5.33 -24.08
N GLU A 313 -7.90 6.05 -23.27
CA GLU A 313 -8.81 5.40 -22.33
C GLU A 313 -9.92 4.74 -23.15
N ASP A 314 -10.20 3.50 -22.81
CA ASP A 314 -11.33 2.79 -23.44
C ASP A 314 -12.60 3.57 -23.23
N PRO A 315 -13.35 3.93 -24.29
CA PRO A 315 -14.55 4.71 -24.08
C PRO A 315 -15.61 4.04 -23.20
N SER A 316 -15.84 2.77 -23.32
CA SER A 316 -16.89 2.06 -22.54
CA SER A 316 -16.92 2.12 -22.53
C SER A 316 -16.51 2.02 -21.06
N ILE A 317 -15.28 1.66 -20.78
CA ILE A 317 -14.82 1.63 -19.37
C ILE A 317 -14.88 3.05 -18.83
N LYS A 318 -14.43 4.04 -19.60
CA LYS A 318 -14.41 5.43 -19.09
C LYS A 318 -15.85 5.88 -18.77
N ALA A 319 -16.84 5.53 -19.60
CA ALA A 319 -18.21 5.94 -19.35
C ALA A 319 -18.73 5.25 -18.09
N ASP A 320 -18.34 4.04 -17.83
CA ASP A 320 -18.83 3.37 -16.60
CA ASP A 320 -18.78 3.32 -16.60
C ASP A 320 -18.13 4.01 -15.40
N ILE A 321 -16.83 4.32 -15.49
CA ILE A 321 -16.09 5.03 -14.41
C ILE A 321 -16.85 6.33 -14.13
N ASN A 322 -17.21 7.08 -15.17
CA ASN A 322 -17.90 8.36 -14.96
C ASN A 322 -19.28 8.16 -14.34
N LYS A 323 -19.96 7.07 -14.61
CA LYS A 323 -21.27 6.77 -13.97
C LYS A 323 -21.03 6.49 -12.48
N TRP A 324 -20.05 5.69 -12.16
CA TRP A 324 -19.74 5.30 -10.74
C TRP A 324 -19.27 6.54 -9.95
N ARG A 325 -18.66 7.54 -10.60
CA ARG A 325 -18.12 8.74 -9.92
C ARG A 325 -19.22 9.58 -9.28
N ILE A 326 -20.44 9.47 -9.75
CA ILE A 326 -21.54 10.32 -9.24
C ILE A 326 -21.69 10.13 -7.73
N LYS A 327 -21.72 8.88 -7.25
CA LYS A 327 -21.89 8.63 -5.79
C LYS A 327 -20.65 9.13 -5.02
N LEU A 328 -19.48 9.14 -5.62
CA LEU A 328 -18.26 9.67 -4.96
C LEU A 328 -18.41 11.18 -4.76
N ASP A 329 -18.88 11.87 -5.79
CA ASP A 329 -19.05 13.32 -5.73
C ASP A 329 -20.06 13.62 -4.64
N ASP A 330 -21.16 12.88 -4.57
CA ASP A 330 -22.23 13.12 -3.55
C ASP A 330 -21.63 12.88 -2.16
N TYR A 331 -20.89 11.81 -2.03
CA TYR A 331 -20.29 11.46 -0.71
C TYR A 331 -19.34 12.57 -0.21
N SER A 332 -18.61 13.15 -1.14
CA SER A 332 -17.52 14.11 -0.80
CA SER A 332 -17.59 14.23 -1.01
C SER A 332 -18.05 15.33 -0.03
N THR A 333 -19.34 15.63 -0.11
CA THR A 333 -19.87 16.84 0.55
C THR A 333 -20.79 16.48 1.71
N GLN A 334 -20.84 15.20 2.07
CA GLN A 334 -21.65 14.75 3.23
C GLN A 334 -20.90 15.04 4.52
N GLU A 335 -21.65 15.29 5.57
CA GLU A 335 -21.06 15.43 6.90
C GLU A 335 -20.47 14.10 7.37
N LEU A 336 -19.19 14.10 7.76
CA LEU A 336 -18.48 12.94 8.35
C LEU A 336 -18.65 12.97 9.87
N GLY A 337 -18.67 14.15 10.44
CA GLY A 337 -18.69 14.37 11.89
C GLY A 337 -18.66 15.88 12.12
N LYS A 338 -18.46 16.24 13.38
CA LYS A 338 -18.42 17.65 13.77
C LYS A 338 -17.15 17.97 14.56
N THR A 339 -16.69 19.21 14.41
CA THR A 339 -15.71 19.83 15.33
C THR A 339 -16.43 20.99 16.05
N ILE A 340 -16.16 21.05 17.34
CA ILE A 340 -16.55 22.22 18.15
C ILE A 340 -15.39 23.22 18.30
N VAL A 341 -14.21 22.91 17.74
CA VAL A 341 -13.04 23.80 17.77
C VAL A 341 -12.62 24.14 16.35
N TYR A 342 -12.01 25.30 16.18
CA TYR A 342 -11.34 25.64 14.93
C TYR A 342 -10.22 24.60 14.77
N LEU A 343 -10.13 24.09 13.56
CA LEU A 343 -9.04 23.13 13.24
C LEU A 343 -7.93 23.92 12.57
N ASP A 344 -6.91 24.25 13.36
CA ASP A 344 -5.87 25.18 12.91
C ASP A 344 -4.76 24.41 12.14
N GLY A 345 -4.98 24.36 10.82
CA GLY A 345 -4.01 23.85 9.84
C GLY A 345 -3.34 24.96 9.08
N SER A 346 -3.33 26.17 9.63
CA SER A 346 -2.59 27.29 9.00
C SER A 346 -1.10 27.01 9.04
N SER A 347 -0.35 27.50 8.04
CA SER A 347 1.12 27.40 8.04
C SER A 347 1.73 28.19 9.18
N GLN A 348 1.14 29.35 9.47
CA GLN A 348 1.64 30.27 10.51
C GLN A 348 1.67 29.50 11.84
N SER A 349 0.75 28.57 12.03
CA SER A 349 0.78 27.73 13.25
C SER A 349 1.62 26.47 13.01
N CYS A 350 1.23 25.66 12.04
CA CYS A 350 1.77 24.28 11.95
C CYS A 350 3.22 24.20 11.48
N ARG A 351 3.79 25.26 10.91
CA ARG A 351 5.22 25.29 10.56
C ARG A 351 6.03 25.97 11.65
N PHE A 352 5.43 26.37 12.76
CA PHE A 352 6.13 27.10 13.82
C PHE A 352 5.95 26.51 15.23
N ARG A 353 4.85 25.80 15.48
CA ARG A 353 4.57 25.35 16.83
C ARG A 353 3.55 24.23 16.77
N GLU A 354 3.30 23.61 17.91
CA GLU A 354 2.24 22.59 17.96
C GLU A 354 0.96 23.25 17.46
N CYS A 355 0.24 22.58 16.57
CA CYS A 355 -1.05 23.02 16.02
C CYS A 355 -2.06 21.92 16.21
N ASN A 356 -3.30 22.30 16.50
CA ASN A 356 -4.32 21.26 16.83
C ASN A 356 -4.68 20.40 15.62
N MET A 357 -4.57 20.90 14.39
CA MET A 357 -4.80 20.06 13.22
C MET A 357 -3.74 18.94 13.19
N GLY A 358 -2.51 19.29 13.50
CA GLY A 358 -1.43 18.28 13.57
C GLY A 358 -1.74 17.23 14.61
N ASN A 359 -2.17 17.67 15.77
CA ASN A 359 -2.49 16.70 16.83
C ASN A 359 -3.62 15.77 16.38
N LEU A 360 -4.65 16.33 15.76
CA LEU A 360 -5.80 15.54 15.24
C LEU A 360 -5.31 14.47 14.27
N ILE A 361 -4.51 14.91 13.30
CA ILE A 361 -4.07 13.95 12.26
C ILE A 361 -3.18 12.87 12.87
N CYS A 362 -2.25 13.24 13.72
CA CYS A 362 -1.42 12.19 14.35
C CYS A 362 -2.28 11.27 15.22
N ASP A 363 -3.28 11.81 15.93
CA ASP A 363 -4.15 10.94 16.75
C ASP A 363 -4.93 9.97 15.86
N ALA A 364 -5.37 10.44 14.70
CA ALA A 364 -6.04 9.57 13.72
C ALA A 364 -5.08 8.52 13.19
N MET A 365 -3.84 8.91 12.96
CA MET A 365 -2.83 7.96 12.47
C MET A 365 -2.63 6.83 13.47
N ILE A 366 -2.48 7.16 14.75
CA ILE A 366 -2.30 6.08 15.75
CA ILE A 366 -2.30 6.12 15.79
C ILE A 366 -3.58 5.26 15.88
N ASN A 367 -4.76 5.87 15.86
CA ASN A 367 -6.00 5.11 15.94
C ASN A 367 -6.12 4.09 14.78
N ASN A 368 -5.72 4.52 13.59
CA ASN A 368 -5.78 3.63 12.38
C ASN A 368 -4.86 2.42 12.53
N ASN A 369 -3.81 2.53 13.36
CA ASN A 369 -2.81 1.48 13.50
C ASN A 369 -2.96 0.72 14.83
N LEU A 370 -4.16 0.74 15.40
CA LEU A 370 -4.48 -0.19 16.50
C LEU A 370 -4.71 -1.56 15.89
N ARG A 371 -3.89 -2.50 16.26
CA ARG A 371 -3.97 -3.87 15.70
C ARG A 371 -4.18 -4.86 16.85
N HIS A 372 -4.28 -6.13 16.57
CA HIS A 372 -4.68 -7.21 17.51
C HIS A 372 -3.98 -7.13 18.88
N ALA A 373 -4.81 -7.24 19.92
CA ALA A 373 -4.39 -7.34 21.34
C ALA A 373 -3.32 -8.45 21.45
N ASP A 374 -2.29 -8.21 22.23
CA ASP A 374 -1.13 -9.10 22.56
C ASP A 374 -0.69 -8.80 24.01
N GLU A 375 -0.11 -9.76 24.73
CA GLU A 375 0.28 -9.55 26.14
C GLU A 375 1.64 -8.79 26.23
N MET A 376 2.33 -8.55 25.12
CA MET A 376 3.67 -7.94 25.21
C MET A 376 3.59 -6.44 24.93
N PHE A 377 2.47 -5.91 24.45
CA PHE A 377 2.36 -4.47 24.16
C PHE A 377 0.88 -4.11 24.20
N TRP A 378 0.60 -2.89 24.63
CA TRP A 378 -0.80 -2.42 24.57
C TRP A 378 -1.19 -2.18 23.09
N ASN A 379 -0.22 -1.72 22.30
CA ASN A 379 -0.33 -1.62 20.83
C ASN A 379 1.07 -1.65 20.26
N HIS A 380 1.20 -2.19 19.05
CA HIS A 380 2.55 -2.37 18.50
C HIS A 380 3.23 -1.02 18.21
N VAL A 381 2.43 0.03 17.97
CA VAL A 381 2.95 1.36 17.63
C VAL A 381 2.23 2.42 18.47
N SER A 382 3.00 3.42 18.89
CA SER A 382 2.49 4.50 19.72
C SER A 382 2.85 5.88 19.22
N MET A 383 3.64 6.00 18.19
CA MET A 383 4.30 7.25 17.84
C MET A 383 3.96 7.68 16.40
N CYS A 384 3.94 8.99 16.19
CA CYS A 384 3.57 9.63 14.94
C CYS A 384 4.37 10.89 14.73
N ILE A 385 4.85 11.10 13.51
CA ILE A 385 5.32 12.41 13.11
C ILE A 385 4.66 12.82 11.78
N LEU A 386 4.56 14.14 11.58
CA LEU A 386 3.81 14.69 10.45
C LEU A 386 4.42 16.03 10.13
N ASN A 387 5.03 16.20 8.99
CA ASN A 387 5.57 17.52 8.64
C ASN A 387 4.48 18.57 8.45
N GLY A 388 4.73 19.75 8.99
CA GLY A 388 3.74 20.85 8.90
C GLY A 388 3.51 21.26 7.48
N GLY A 389 4.48 21.05 6.60
CA GLY A 389 4.32 21.25 5.15
C GLY A 389 3.33 20.30 4.50
N GLY A 390 2.94 19.21 5.16
CA GLY A 390 1.93 18.31 4.66
C GLY A 390 0.52 18.69 5.02
N ILE A 391 0.40 19.74 5.85
CA ILE A 391 -0.92 20.23 6.30
C ILE A 391 -1.22 21.53 5.56
N ARG A 392 -2.25 21.50 4.70
CA ARG A 392 -2.36 22.55 3.65
C ARG A 392 -3.60 23.41 3.78
N SER A 393 -4.38 23.24 4.84
CA SER A 393 -5.60 24.06 5.09
C SER A 393 -6.00 23.91 6.53
N PRO A 394 -6.64 24.93 7.11
CA PRO A 394 -7.46 24.77 8.29
C PRO A 394 -8.86 24.30 7.89
N ILE A 395 -9.64 23.99 8.90
CA ILE A 395 -11.09 23.76 8.79
C ILE A 395 -11.80 24.62 9.83
N ASP A 396 -12.65 25.49 9.31
CA ASP A 396 -13.51 26.34 10.17
C ASP A 396 -14.65 25.52 10.76
N GLU A 397 -14.90 25.74 12.06
CA GLU A 397 -15.95 25.03 12.81
C GLU A 397 -17.31 25.73 12.69
N ARG A 398 -17.36 26.89 12.04
CA ARG A 398 -18.59 27.72 12.03
C ARG A 398 -19.61 27.33 10.93
N ASN A 399 -19.42 26.22 10.20
N ASN A 399 -19.45 26.22 10.23
CA ASN A 399 -20.40 25.58 9.24
CA ASN A 399 -20.49 25.75 9.27
C ASN A 399 -21.23 24.56 10.06
C ASN A 399 -21.27 24.65 9.99
N ASP A 400 -21.79 25.00 11.19
CA ASP A 400 -22.52 24.08 12.11
C ASP A 400 -21.61 22.93 12.60
N GLY A 401 -20.33 23.19 12.67
CA GLY A 401 -19.37 22.14 13.07
C GLY A 401 -19.06 21.11 12.00
N THR A 402 -19.71 21.16 10.85
CA THR A 402 -19.60 20.08 9.85
C THR A 402 -18.18 19.98 9.36
N ILE A 403 -17.75 18.74 9.17
CA ILE A 403 -16.52 18.38 8.41
C ILE A 403 -16.90 17.44 7.29
N THR A 404 -16.44 17.71 6.09
CA THR A 404 -16.70 16.83 4.93
C THR A 404 -15.38 16.28 4.41
N TRP A 405 -15.50 15.28 3.57
CA TRP A 405 -14.32 14.73 2.87
C TRP A 405 -13.64 15.85 2.06
N GLU A 406 -14.43 16.67 1.33
CA GLU A 406 -13.89 17.84 0.57
C GLU A 406 -12.98 18.69 1.45
N ASN A 407 -13.45 18.99 2.65
CA ASN A 407 -12.66 19.78 3.63
C ASN A 407 -11.32 19.06 3.93
N LEU A 408 -11.39 17.76 4.22
CA LEU A 408 -10.15 17.00 4.48
C LEU A 408 -9.21 16.95 3.29
N ALA A 409 -9.76 16.91 2.07
CA ALA A 409 -8.94 16.87 0.86
C ALA A 409 -8.20 18.18 0.70
N ALA A 410 -8.69 19.29 1.24
CA ALA A 410 -7.95 20.56 1.19
C ALA A 410 -6.79 20.51 2.19
N VAL A 411 -7.01 19.87 3.35
CA VAL A 411 -5.93 19.73 4.35
C VAL A 411 -4.82 18.80 3.84
N LEU A 412 -5.21 17.73 3.19
CA LEU A 412 -4.34 16.63 2.75
C LEU A 412 -4.53 16.38 1.28
N PRO A 413 -3.91 17.20 0.43
CA PRO A 413 -4.27 17.23 -0.99
C PRO A 413 -3.37 16.35 -1.87
N PHE A 414 -2.34 15.73 -1.30
CA PHE A 414 -1.25 15.17 -2.12
C PHE A 414 -1.44 13.70 -2.49
N GLY A 415 -2.48 13.04 -1.99
CA GLY A 415 -2.73 11.64 -2.37
C GLY A 415 -1.77 10.68 -1.73
N GLY A 416 -1.36 10.90 -0.51
CA GLY A 416 -0.33 10.09 0.18
C GLY A 416 -0.95 9.06 1.09
N THR A 417 -0.10 8.38 1.80
CA THR A 417 -0.45 7.36 2.75
C THR A 417 0.28 7.65 4.07
N PHE A 418 -0.29 7.10 5.13
CA PHE A 418 0.33 7.17 6.45
C PHE A 418 0.93 5.79 6.75
N ASP A 419 2.26 5.70 6.62
CA ASP A 419 3.02 4.47 6.55
C ASP A 419 3.58 4.12 7.93
N LEU A 420 3.92 2.84 8.09
CA LEU A 420 4.60 2.30 9.29
C LEU A 420 6.08 2.11 8.98
N VAL A 421 6.95 2.71 9.79
CA VAL A 421 8.39 2.53 9.63
C VAL A 421 8.99 2.16 10.95
N GLN A 422 10.15 1.53 10.87
CA GLN A 422 11.01 1.34 12.04
C GLN A 422 12.22 2.23 11.91
N LEU A 423 12.51 2.99 12.96
CA LEU A 423 13.60 4.01 13.04
C LEU A 423 14.39 3.82 14.35
N LYS A 424 15.71 3.73 14.29
CA LYS A 424 16.51 3.89 15.49
C LYS A 424 16.21 5.24 16.16
N GLY A 425 16.29 5.26 17.49
CA GLY A 425 16.17 6.56 18.17
C GLY A 425 17.16 7.58 17.65
N SER A 426 18.36 7.19 17.29
CA SER A 426 19.34 8.16 16.75
C SER A 426 18.77 8.86 15.50
N THR A 427 18.11 8.10 14.66
CA THR A 427 17.52 8.62 13.42
C THR A 427 16.42 9.60 13.80
N LEU A 428 15.59 9.23 14.75
CA LEU A 428 14.47 10.13 15.13
CA LEU A 428 14.49 10.13 15.18
C LEU A 428 15.04 11.42 15.76
N LYS A 429 16.10 11.35 16.54
CA LYS A 429 16.75 12.56 17.09
C LYS A 429 17.21 13.43 15.94
N LYS A 430 17.84 12.85 14.93
CA LYS A 430 18.28 13.59 13.72
C LYS A 430 17.09 14.24 13.03
N ALA A 431 15.95 13.54 12.96
CA ALA A 431 14.76 14.11 12.31
C ALA A 431 14.30 15.34 13.10
N PHE A 432 14.21 15.23 14.43
CA PHE A 432 13.76 16.38 15.24
C PHE A 432 14.77 17.54 15.17
N GLU A 433 16.06 17.26 15.01
CA GLU A 433 17.06 18.34 14.80
C GLU A 433 16.76 18.97 13.46
N HIS A 434 16.49 18.18 12.45
CA HIS A 434 16.18 18.71 11.11
C HIS A 434 14.97 19.61 11.16
N SER A 435 13.96 19.20 11.94
CA SER A 435 12.67 19.88 12.15
C SER A 435 12.84 21.35 12.46
N VAL A 436 13.93 21.71 13.15
CA VAL A 436 14.15 23.09 13.61
C VAL A 436 15.53 23.64 13.17
N HIS A 437 16.20 23.01 12.20
CA HIS A 437 17.60 23.39 11.88
C HIS A 437 17.66 24.83 11.34
N ARG A 438 16.59 25.27 10.66
CA ARG A 438 16.56 26.62 10.08
C ARG A 438 15.26 27.28 10.52
N TYR A 439 14.86 26.98 11.74
CA TYR A 439 13.59 27.50 12.28
C TYR A 439 13.42 28.98 12.00
N GLY A 440 12.20 29.35 11.67
CA GLY A 440 11.77 30.77 11.59
C GLY A 440 11.42 31.21 10.17
N GLN A 441 11.60 30.35 9.18
CA GLN A 441 11.38 30.68 7.74
C GLN A 441 10.09 30.08 7.20
N SER A 442 9.25 29.48 8.02
CA SER A 442 8.01 28.87 7.51
C SER A 442 8.32 27.78 6.49
N THR A 443 9.28 26.95 6.84
CA THR A 443 9.63 25.76 6.03
C THR A 443 8.80 24.54 6.46
N GLY A 444 8.71 23.58 5.55
CA GLY A 444 7.74 22.49 5.73
C GLY A 444 8.18 21.40 6.69
N GLU A 445 9.48 21.36 7.05
CA GLU A 445 10.01 20.23 7.84
C GLU A 445 9.61 20.24 9.32
N PHE A 446 9.05 21.32 9.83
CA PHE A 446 8.69 21.35 11.28
C PHE A 446 7.71 20.22 11.60
N LEU A 447 7.95 19.44 12.64
CA LEU A 447 7.15 18.23 12.87
C LEU A 447 6.05 18.42 13.91
N GLN A 448 4.86 18.05 13.49
CA GLN A 448 3.74 17.76 14.37
C GLN A 448 3.88 16.32 14.85
N VAL A 449 3.32 15.99 15.99
CA VAL A 449 3.63 14.72 16.66
C VAL A 449 2.42 14.10 17.35
N GLY A 450 2.55 12.82 17.61
CA GLY A 450 1.71 12.08 18.56
C GLY A 450 2.51 11.01 19.26
N GLY A 451 2.28 10.83 20.54
CA GLY A 451 3.09 9.86 21.32
C GLY A 451 4.54 10.24 21.48
N ILE A 452 4.82 11.50 21.26
CA ILE A 452 6.17 12.09 21.42
C ILE A 452 6.00 13.45 22.07
N HIS A 453 6.84 13.76 23.04
CA HIS A 453 6.92 15.06 23.71
C HIS A 453 8.34 15.53 23.45
N VAL A 454 8.44 16.66 22.78
CA VAL A 454 9.76 17.27 22.43
C VAL A 454 9.85 18.67 23.04
N VAL A 455 11.05 19.04 23.44
CA VAL A 455 11.37 20.41 23.87
C VAL A 455 12.59 20.84 23.07
N TYR A 456 12.51 22.01 22.48
CA TYR A 456 13.59 22.62 21.72
C TYR A 456 14.18 23.76 22.54
N ASP A 457 15.47 24.01 22.34
CA ASP A 457 16.08 25.28 22.77
C ASP A 457 16.70 25.90 21.51
N LEU A 458 15.98 26.86 20.90
CA LEU A 458 16.40 27.50 19.66
C LEU A 458 17.65 28.36 19.86
N SER A 459 18.09 28.63 21.08
CA SER A 459 19.35 29.42 21.30
C SER A 459 20.58 28.54 21.03
N ARG A 460 20.41 27.22 20.93
CA ARG A 460 21.54 26.28 20.73
C ARG A 460 21.86 26.24 19.23
N LYS A 461 23.03 25.71 18.86
CA LYS A 461 23.44 25.55 17.46
C LYS A 461 22.48 24.61 16.73
N PRO A 462 22.18 24.84 15.44
CA PRO A 462 21.55 23.82 14.61
C PRO A 462 22.25 22.45 14.76
N GLY A 463 21.43 21.43 14.96
CA GLY A 463 21.83 20.04 15.18
C GLY A 463 21.92 19.70 16.65
N ASP A 464 21.76 20.68 17.52
CA ASP A 464 21.88 20.46 18.97
C ASP A 464 20.77 21.22 19.70
N ARG A 465 19.61 21.40 19.05
CA ARG A 465 18.44 22.17 19.58
C ARG A 465 17.44 21.28 20.33
N VAL A 466 17.52 19.96 20.20
CA VAL A 466 16.58 19.09 20.91
C VAL A 466 17.11 18.88 22.33
N VAL A 467 16.39 19.37 23.34
CA VAL A 467 16.88 19.25 24.72
C VAL A 467 16.08 18.23 25.52
N LYS A 468 14.92 17.81 25.07
CA LYS A 468 14.18 16.71 25.70
C LYS A 468 13.41 16.03 24.59
N LEU A 469 13.37 14.71 24.61
CA LEU A 469 12.59 13.93 23.64
C LEU A 469 12.16 12.66 24.34
N ASP A 470 10.88 12.61 24.64
CA ASP A 470 10.29 11.49 25.36
C ASP A 470 9.24 10.87 24.48
N VAL A 471 9.07 9.55 24.61
CA VAL A 471 8.22 8.79 23.68
C VAL A 471 7.33 7.85 24.49
N LEU A 472 6.16 7.63 23.98
CA LEU A 472 5.18 6.75 24.63
C LEU A 472 5.59 5.30 24.51
N CYS A 473 5.65 4.58 25.61
CA CYS A 473 6.03 3.15 25.55
C CYS A 473 4.99 2.38 24.74
N THR A 474 5.44 1.25 24.19
CA THR A 474 4.57 0.21 23.65
C THR A 474 4.59 -1.04 24.51
N SER A 475 5.76 -1.44 24.97
CA SER A 475 5.92 -2.67 25.78
C SER A 475 5.62 -2.39 27.25
N CYS A 476 4.36 -2.11 27.47
CA CYS A 476 3.88 -1.59 28.77
C CYS A 476 2.36 -1.74 28.75
N ARG A 477 1.80 -2.00 29.92
CA ARG A 477 0.33 -2.15 30.06
C ARG A 477 -0.33 -0.82 30.32
N VAL A 478 0.42 0.12 30.91
CA VAL A 478 -0.06 1.52 31.09
C VAL A 478 0.83 2.41 30.26
N PRO A 479 0.33 3.02 29.16
CA PRO A 479 1.20 3.88 28.34
C PRO A 479 1.69 5.04 29.18
N SER A 480 2.98 5.32 29.06
CA SER A 480 3.64 6.46 29.72
C SER A 480 4.85 6.83 28.92
N TYR A 481 5.37 7.99 29.19
CA TYR A 481 6.52 8.57 28.42
C TYR A 481 7.83 8.28 29.13
N ASP A 482 8.84 7.88 28.35
CA ASP A 482 10.20 7.67 28.81
C ASP A 482 11.12 8.38 27.84
N PRO A 483 12.33 8.70 28.24
CA PRO A 483 13.29 9.30 27.30
C PRO A 483 13.53 8.38 26.12
N LEU A 484 13.66 9.03 24.97
CA LEU A 484 14.11 8.28 23.76
CA LEU A 484 14.15 8.36 23.72
C LEU A 484 15.51 7.70 24.00
N LYS A 485 15.69 6.47 23.53
CA LYS A 485 16.98 5.73 23.60
C LYS A 485 17.55 5.69 22.19
N MET A 486 18.78 6.15 22.06
CA MET A 486 19.41 6.32 20.73
C MET A 486 19.55 4.96 20.03
N ASP A 487 19.78 3.88 20.78
CA ASP A 487 20.04 2.59 20.13
C ASP A 487 18.77 1.78 19.91
N GLU A 488 17.65 2.16 20.54
N GLU A 488 17.66 2.27 20.38
CA GLU A 488 16.38 1.37 20.43
CA GLU A 488 16.47 1.40 20.30
C GLU A 488 15.71 1.67 19.07
C GLU A 488 15.72 1.68 19.00
N VAL A 489 15.03 0.67 18.53
CA VAL A 489 14.23 0.77 17.31
C VAL A 489 12.77 1.08 17.68
N TYR A 490 12.24 2.12 17.09
CA TYR A 490 10.87 2.55 17.34
C TYR A 490 10.04 2.40 16.07
N LYS A 491 8.83 1.91 16.26
CA LYS A 491 7.80 2.01 15.22
C LYS A 491 7.22 3.43 15.21
N VAL A 492 7.07 3.98 14.05
CA VAL A 492 6.56 5.33 13.84
C VAL A 492 5.61 5.33 12.67
N ILE A 493 4.48 6.01 12.82
CA ILE A 493 3.57 6.26 11.68
CA ILE A 493 3.59 6.25 11.66
C ILE A 493 3.92 7.65 11.10
N LEU A 494 4.07 7.76 9.80
CA LEU A 494 4.50 9.04 9.19
C LEU A 494 4.02 9.03 7.74
N PRO A 495 3.94 10.20 7.09
CA PRO A 495 3.55 10.27 5.70
C PRO A 495 4.58 9.59 4.80
N ASN A 496 4.09 8.95 3.75
CA ASN A 496 5.04 8.35 2.76
C ASN A 496 5.98 9.42 2.23
N PHE A 497 5.56 10.67 2.14
CA PHE A 497 6.48 11.74 1.67
C PHE A 497 7.74 11.77 2.51
N LEU A 498 7.62 11.64 3.84
CA LEU A 498 8.78 11.63 4.74
C LEU A 498 9.54 10.30 4.62
N ALA A 499 8.87 9.16 4.53
CA ALA A 499 9.56 7.86 4.40
C ALA A 499 10.47 7.89 3.18
N ASN A 500 10.08 8.65 2.17
CA ASN A 500 10.78 8.79 0.89
C ASN A 500 11.77 9.95 0.95
N GLY A 501 12.01 10.56 2.11
CA GLY A 501 13.02 11.61 2.30
C GLY A 501 12.59 13.02 1.89
N GLY A 502 11.29 13.24 1.79
CA GLY A 502 10.77 14.57 1.46
C GLY A 502 11.04 15.61 2.55
N ASP A 503 11.01 16.87 2.15
CA ASP A 503 11.27 18.01 3.07
C ASP A 503 12.62 17.84 3.76
N GLY A 504 13.60 17.23 3.10
CA GLY A 504 14.98 17.14 3.56
C GLY A 504 15.22 16.03 4.57
N PHE A 505 14.23 15.17 4.81
CA PHE A 505 14.38 14.09 5.80
C PHE A 505 15.12 12.90 5.18
N GLN A 506 16.26 13.16 4.61
CA GLN A 506 17.10 12.14 3.94
C GLN A 506 17.48 11.08 4.96
N MET A 507 17.65 11.47 6.22
CA MET A 507 18.02 10.49 7.27
C MET A 507 16.93 9.42 7.45
N ILE A 508 15.67 9.76 7.30
CA ILE A 508 14.61 8.74 7.44
C ILE A 508 14.77 7.75 6.29
N LYS A 509 14.83 8.25 5.06
CA LYS A 509 14.95 7.37 3.88
C LYS A 509 16.16 6.44 4.02
N ASP A 510 17.31 7.00 4.37
CA ASP A 510 18.60 6.27 4.32
C ASP A 510 18.74 5.35 5.51
N GLU A 511 18.04 5.62 6.64
CA GLU A 511 18.31 4.85 7.89
C GLU A 511 17.15 3.96 8.34
N LEU A 512 16.03 4.02 7.69
CA LEU A 512 14.90 3.22 8.21
C LEU A 512 15.19 1.75 8.00
N LEU A 513 14.65 0.99 8.91
CA LEU A 513 14.94 -0.45 9.04
CA LEU A 513 14.93 -0.45 9.04
C LEU A 513 13.78 -1.25 8.43
N ARG A 514 12.59 -0.68 8.34
CA ARG A 514 11.41 -1.38 7.81
C ARG A 514 10.50 -0.28 7.28
N HIS A 515 9.72 -0.54 6.26
CA HIS A 515 8.70 0.39 5.72
C HIS A 515 7.59 -0.45 5.13
N ASP A 516 6.34 -0.14 5.50
CA ASP A 516 5.17 -0.77 4.90
C ASP A 516 4.18 0.33 4.62
N SER A 517 3.64 0.35 3.42
CA SER A 517 2.75 1.46 3.03
CA SER A 517 2.71 1.39 2.96
C SER A 517 1.39 1.28 3.74
N GLY A 518 0.89 2.38 4.22
CA GLY A 518 -0.36 2.38 4.99
C GLY A 518 -1.55 2.92 4.24
N ASP A 519 -2.55 3.32 4.99
CA ASP A 519 -3.84 3.71 4.40
C ASP A 519 -3.77 5.13 3.82
N GLN A 520 -4.75 5.42 2.99
CA GLN A 520 -4.86 6.78 2.37
C GLN A 520 -4.96 7.84 3.47
N ASP A 521 -4.19 8.90 3.33
CA ASP A 521 -4.17 9.99 4.34
C ASP A 521 -5.60 10.48 4.64
N ILE A 522 -6.33 10.95 3.64
CA ILE A 522 -7.68 11.50 3.91
C ILE A 522 -8.51 10.46 4.63
N ASN A 523 -8.47 9.23 4.20
CA ASN A 523 -9.36 8.16 4.70
C ASN A 523 -9.02 7.88 6.18
N VAL A 524 -7.76 7.94 6.55
CA VAL A 524 -7.38 7.74 7.97
C VAL A 524 -8.10 8.81 8.81
N VAL A 525 -8.05 10.07 8.37
CA VAL A 525 -8.65 11.15 9.20
C VAL A 525 -10.16 11.04 9.15
N SER A 526 -10.75 10.77 7.98
CA SER A 526 -12.23 10.70 7.85
CA SER A 526 -12.22 10.66 7.81
C SER A 526 -12.77 9.59 8.75
N THR A 527 -12.11 8.45 8.79
CA THR A 527 -12.57 7.33 9.63
C THR A 527 -12.51 7.72 11.10
N TYR A 528 -11.44 8.37 11.51
CA TYR A 528 -11.33 8.80 12.91
C TYR A 528 -12.44 9.79 13.28
N ILE A 529 -12.64 10.78 12.45
CA ILE A 529 -13.69 11.80 12.69
C ILE A 529 -15.04 11.09 12.77
N SER A 530 -15.33 10.18 11.85
CA SER A 530 -16.65 9.48 11.90
C SER A 530 -16.83 8.70 13.19
N LYS A 531 -15.79 8.01 13.66
CA LYS A 531 -15.80 7.15 14.88
C LYS A 531 -16.02 8.08 16.08
N MET A 532 -15.38 9.28 16.08
CA MET A 532 -15.39 10.12 17.29
C MET A 532 -16.69 10.94 17.34
N LYS A 533 -17.26 11.27 16.18
CA LYS A 533 -18.55 12.02 16.04
C LYS A 533 -18.39 13.52 16.30
N VAL A 534 -17.77 13.86 17.43
CA VAL A 534 -17.56 15.26 17.81
C VAL A 534 -16.12 15.36 18.30
N ILE A 535 -15.33 16.18 17.65
CA ILE A 535 -13.90 16.31 18.02
C ILE A 535 -13.61 17.71 18.55
N TYR A 536 -12.60 17.77 19.38
CA TYR A 536 -12.18 19.01 20.03
C TYR A 536 -10.70 18.98 20.38
N PRO A 537 -9.81 18.73 19.36
CA PRO A 537 -8.39 18.67 19.67
C PRO A 537 -7.86 20.00 20.19
N ALA A 538 -7.03 19.85 21.23
CA ALA A 538 -6.31 20.94 21.92
C ALA A 538 -4.84 20.98 21.51
N VAL A 539 -4.23 22.13 21.73
CA VAL A 539 -2.77 22.31 21.81
C VAL A 539 -2.43 22.00 23.27
N GLU A 540 -1.59 21.02 23.54
CA GLU A 540 -1.48 20.49 24.89
C GLU A 540 -0.07 20.35 25.40
N GLY A 541 0.94 20.83 24.69
CA GLY A 541 2.31 20.74 25.21
C GLY A 541 3.09 19.58 24.64
N ARG A 542 2.66 18.99 23.55
CA ARG A 542 3.51 17.95 22.90
C ARG A 542 4.82 18.55 22.41
N ILE A 543 4.82 19.79 21.97
CA ILE A 543 5.99 20.52 21.44
C ILE A 543 6.16 21.78 22.28
N LYS A 544 7.31 21.94 22.90
CA LYS A 544 7.60 23.14 23.67
C LYS A 544 8.95 23.74 23.29
N PHE A 545 9.07 25.03 23.54
CA PHE A 545 10.31 25.79 23.34
C PHE A 545 10.78 26.29 24.70
N SER A 546 12.07 26.30 24.92
CA SER A 546 12.62 26.68 26.24
C SER A 546 13.34 28.00 26.10
#